data_5KJG
#
_entry.id   5KJG
#
_entity_poly.entity_id   1
_entity_poly.type   'polypeptide(L)'
_entity_poly.pdbx_seq_one_letter_code
;(ACE)MDWGTLQTILGRVNKHSTSIGK
;
_entity_poly.pdbx_strand_id   A
#
# COMPACT_ATOMS: atom_id res chain seq x y z
N MET A 2 -9.05 5.10 2.70
CA MET A 2 -8.89 5.15 4.15
C MET A 2 -7.69 4.33 4.59
N ASP A 3 -6.97 4.83 5.60
CA ASP A 3 -5.79 4.15 6.12
C ASP A 3 -5.63 4.42 7.60
N TRP A 4 -5.43 3.36 8.38
CA TRP A 4 -5.26 3.49 9.83
C TRP A 4 -6.50 4.09 10.46
N GLY A 5 -6.58 4.01 11.78
CA GLY A 5 -7.71 4.57 12.49
C GLY A 5 -7.86 6.04 12.17
N THR A 6 -6.80 6.63 11.61
CA THR A 6 -6.78 8.04 11.22
C THR A 6 -5.38 8.43 10.72
N LEU A 7 -5.03 7.91 9.54
CA LEU A 7 -3.72 8.17 8.95
C LEU A 7 -3.81 8.09 7.43
N GLN A 8 -2.65 7.98 6.79
CA GLN A 8 -2.61 7.87 5.34
C GLN A 8 -1.46 6.95 4.93
N THR A 9 -0.23 7.32 5.27
CA THR A 9 0.92 6.50 4.93
C THR A 9 0.81 5.14 5.60
N ILE A 10 0.17 4.23 4.88
CA ILE A 10 -0.06 2.89 5.39
C ILE A 10 -0.24 1.90 4.24
N LEU A 11 -0.96 2.34 3.22
CA LEU A 11 -1.22 1.52 2.06
C LEU A 11 -1.61 2.38 0.86
N GLY A 12 -0.97 2.12 -0.28
CA GLY A 12 -1.27 2.89 -1.48
C GLY A 12 -1.26 2.04 -2.73
N ARG A 13 -1.47 0.73 -2.54
CA ARG A 13 -1.49 -0.22 -3.66
C ARG A 13 -0.18 -0.15 -4.44
N VAL A 14 0.87 0.35 -3.80
CA VAL A 14 2.17 0.45 -4.42
C VAL A 14 2.92 -0.88 -4.39
N ASN A 15 4.00 -0.96 -5.16
CA ASN A 15 4.81 -2.18 -5.23
C ASN A 15 3.96 -3.37 -5.68
N LYS A 16 4.03 -3.68 -6.96
CA LYS A 16 3.28 -4.80 -7.52
C LYS A 16 3.89 -5.27 -8.84
N HIS A 17 3.49 -6.46 -9.28
CA HIS A 17 3.98 -7.02 -10.53
C HIS A 17 2.87 -7.74 -11.29
N SER A 18 2.69 -7.36 -12.55
CA SER A 18 1.66 -7.97 -13.39
C SER A 18 2.19 -8.24 -14.79
N THR A 19 3.48 -8.03 -14.98
CA THR A 19 4.12 -8.25 -16.28
C THR A 19 3.93 -9.70 -16.72
N SER A 20 3.67 -10.58 -15.75
CA SER A 20 3.46 -11.99 -16.02
C SER A 20 2.31 -12.19 -17.00
N ILE A 21 2.56 -12.98 -18.04
CA ILE A 21 1.55 -13.25 -19.05
C ILE A 21 0.75 -14.51 -18.71
N GLY A 22 -0.46 -14.60 -19.25
CA GLY A 22 -1.30 -15.76 -18.98
C GLY A 22 -2.76 -15.49 -19.27
N LYS A 23 -3.15 -14.22 -19.23
CA LYS A 23 -4.54 -13.84 -19.49
C LYS A 23 -4.71 -13.42 -20.95
N MET A 2 -8.57 6.22 2.58
CA MET A 2 -8.57 5.94 4.00
C MET A 2 -7.52 4.87 4.35
N ASP A 3 -6.75 5.14 5.40
CA ASP A 3 -5.71 4.21 5.83
C ASP A 3 -5.51 4.31 7.34
N TRP A 4 -5.40 3.16 8.00
CA TRP A 4 -5.21 3.12 9.44
C TRP A 4 -6.41 3.75 10.15
N GLY A 5 -6.52 3.51 11.45
CA GLY A 5 -7.58 4.10 12.22
C GLY A 5 -7.67 5.60 11.97
N THR A 6 -6.51 6.19 11.69
CA THR A 6 -6.38 7.61 11.39
C THR A 6 -4.97 7.90 10.89
N LEU A 7 -4.73 7.62 9.61
CA LEU A 7 -3.42 7.80 9.00
C LEU A 7 -3.53 7.80 7.48
N GLN A 8 -2.39 7.76 6.81
CA GLN A 8 -2.37 7.70 5.36
C GLN A 8 -1.20 6.88 4.86
N THR A 9 0.01 7.20 5.33
CA THR A 9 1.18 6.44 4.91
C THR A 9 1.05 5.00 5.36
N ILE A 10 0.44 4.21 4.51
CA ILE A 10 0.17 2.82 4.79
C ILE A 10 0.14 1.99 3.51
N LEU A 11 -0.77 2.37 2.62
CA LEU A 11 -0.92 1.68 1.33
C LEU A 11 -1.40 2.66 0.27
N GLY A 12 -1.06 2.37 -0.98
CA GLY A 12 -1.47 3.23 -2.08
C GLY A 12 -1.60 2.48 -3.39
N ARG A 13 -1.75 1.16 -3.30
CA ARG A 13 -1.89 0.32 -4.48
C ARG A 13 -0.69 0.47 -5.41
N VAL A 14 0.43 0.95 -4.86
CA VAL A 14 1.65 1.13 -5.64
C VAL A 14 2.71 0.13 -5.24
N ASN A 15 2.46 -0.61 -4.17
CA ASN A 15 3.41 -1.61 -3.68
C ASN A 15 2.98 -3.02 -4.09
N LYS A 16 3.93 -3.80 -4.59
CA LYS A 16 3.65 -5.16 -5.02
C LYS A 16 4.93 -5.99 -5.07
N HIS A 17 5.95 -5.46 -5.74
CA HIS A 17 7.24 -6.15 -5.85
C HIS A 17 8.40 -5.19 -5.63
N SER A 18 9.54 -5.74 -5.25
CA SER A 18 10.73 -4.94 -5.00
C SER A 18 10.47 -3.89 -3.92
N THR A 19 9.42 -4.09 -3.15
CA THR A 19 9.06 -3.17 -2.07
C THR A 19 10.23 -3.04 -1.07
N SER A 20 11.08 -4.06 -1.04
CA SER A 20 12.23 -4.07 -0.16
C SER A 20 13.17 -2.91 -0.46
N ILE A 21 13.45 -2.09 0.54
CA ILE A 21 14.33 -0.94 0.38
C ILE A 21 15.79 -1.37 0.35
N GLY A 22 16.57 -0.73 -0.50
CA GLY A 22 17.99 -1.06 -0.62
C GLY A 22 18.80 -0.50 0.53
N LYS A 23 18.16 0.29 1.38
CA LYS A 23 18.83 0.89 2.53
C LYS A 23 20.02 1.73 2.09
N MET A 2 -9.48 5.65 3.54
CA MET A 2 -9.12 5.68 4.95
C MET A 2 -8.04 4.64 5.26
N ASP A 3 -7.14 4.97 6.18
CA ASP A 3 -6.07 4.07 6.56
C ASP A 3 -5.76 4.19 8.05
N TRP A 4 -5.25 3.12 8.64
CA TRP A 4 -4.91 3.10 10.06
C TRP A 4 -6.15 3.39 10.92
N GLY A 5 -6.36 4.67 11.15
CA GLY A 5 -7.48 5.12 11.95
C GLY A 5 -7.49 6.64 12.03
N THR A 6 -6.76 7.25 11.08
CA THR A 6 -6.61 8.70 10.97
C THR A 6 -5.37 8.99 10.14
N LEU A 7 -4.48 8.00 10.10
CA LEU A 7 -3.23 8.09 9.35
C LEU A 7 -3.50 7.97 7.86
N GLN A 8 -2.44 7.81 7.08
CA GLN A 8 -2.57 7.66 5.65
C GLN A 8 -1.49 6.75 5.09
N THR A 9 -0.23 7.04 5.40
CA THR A 9 0.87 6.21 4.93
C THR A 9 0.73 4.82 5.53
N ILE A 10 -0.02 3.99 4.83
CA ILE A 10 -0.30 2.65 5.28
C ILE A 10 -0.52 1.71 4.11
N LEU A 11 -1.26 2.21 3.11
CA LEU A 11 -1.56 1.43 1.93
C LEU A 11 -1.91 2.35 0.76
N GLY A 12 -1.40 2.02 -0.42
CA GLY A 12 -1.68 2.82 -1.60
C GLY A 12 -1.68 2.00 -2.87
N ARG A 13 -2.16 0.76 -2.77
CA ARG A 13 -2.23 -0.13 -3.93
C ARG A 13 -0.85 -0.33 -4.53
N VAL A 14 0.18 -0.09 -3.74
CA VAL A 14 1.56 -0.24 -4.19
C VAL A 14 2.00 -1.70 -4.14
N ASN A 15 2.74 -2.14 -5.16
CA ASN A 15 3.22 -3.51 -5.23
C ASN A 15 4.58 -3.57 -5.92
N LYS A 16 4.89 -2.54 -6.70
CA LYS A 16 6.16 -2.46 -7.42
C LYS A 16 6.29 -3.63 -8.41
N HIS A 17 6.78 -4.76 -7.92
CA HIS A 17 6.96 -5.94 -8.75
C HIS A 17 7.25 -7.17 -7.90
N SER A 18 6.47 -8.22 -8.10
CA SER A 18 6.65 -9.46 -7.35
C SER A 18 6.61 -10.67 -8.28
N THR A 19 6.35 -11.85 -7.69
CA THR A 19 6.29 -13.09 -8.46
C THR A 19 7.66 -13.41 -9.06
N SER A 20 8.67 -12.67 -8.64
CA SER A 20 10.03 -12.88 -9.13
C SER A 20 10.84 -13.74 -8.17
N ILE A 21 11.38 -14.84 -8.67
CA ILE A 21 12.17 -15.75 -7.85
C ILE A 21 13.53 -16.01 -8.50
N GLY A 22 14.59 -15.55 -7.85
CA GLY A 22 15.92 -15.74 -8.37
C GLY A 22 16.45 -14.51 -9.09
N LYS A 23 15.57 -13.56 -9.36
CA LYS A 23 15.94 -12.34 -10.05
C LYS A 23 16.79 -11.44 -9.15
N MET A 2 -9.69 4.92 3.68
CA MET A 2 -9.34 4.88 5.09
C MET A 2 -8.11 4.00 5.32
N ASP A 3 -7.25 4.41 6.24
CA ASP A 3 -6.03 3.67 6.55
C ASP A 3 -5.67 3.82 8.02
N TRP A 4 -5.01 2.80 8.58
CA TRP A 4 -4.61 2.82 9.98
C TRP A 4 -5.82 2.84 10.90
N GLY A 5 -6.41 4.01 11.01
CA GLY A 5 -7.55 4.22 11.85
C GLY A 5 -7.96 5.68 11.81
N THR A 6 -6.95 6.52 11.58
CA THR A 6 -7.12 7.96 11.46
C THR A 6 -5.89 8.55 10.76
N LEU A 7 -5.19 7.68 10.04
CA LEU A 7 -3.97 8.06 9.32
C LEU A 7 -4.20 7.94 7.83
N GLN A 8 -3.11 8.02 7.06
CA GLN A 8 -3.19 7.89 5.62
C GLN A 8 -1.93 7.23 5.06
N THR A 9 -0.76 7.77 5.39
CA THR A 9 0.49 7.19 4.93
C THR A 9 0.63 5.79 5.50
N ILE A 10 0.08 4.84 4.78
CA ILE A 10 0.08 3.45 5.19
C ILE A 10 0.07 2.53 3.99
N LEU A 11 -0.69 2.91 2.98
CA LEU A 11 -0.81 2.12 1.76
C LEU A 11 -0.83 3.01 0.53
N GLY A 12 -0.52 2.42 -0.61
CA GLY A 12 -0.54 3.16 -1.85
C GLY A 12 -0.40 2.25 -3.06
N ARG A 13 -0.72 0.97 -2.86
CA ARG A 13 -0.62 -0.02 -3.92
C ARG A 13 0.76 -0.02 -4.56
N VAL A 14 1.76 0.40 -3.79
CA VAL A 14 3.13 0.45 -4.30
C VAL A 14 3.60 -0.92 -4.78
N ASN A 15 3.09 -1.97 -4.14
CA ASN A 15 3.46 -3.33 -4.52
C ASN A 15 2.63 -3.81 -5.71
N LYS A 16 3.31 -4.04 -6.84
CA LYS A 16 2.64 -4.49 -8.05
C LYS A 16 2.33 -5.98 -7.97
N HIS A 17 3.09 -6.71 -7.16
CA HIS A 17 2.90 -8.13 -6.99
C HIS A 17 3.10 -8.55 -5.53
N SER A 18 2.12 -9.26 -4.99
CA SER A 18 2.19 -9.72 -3.61
C SER A 18 1.47 -11.06 -3.44
N THR A 19 0.13 -10.99 -3.38
CA THR A 19 -0.70 -12.19 -3.22
C THR A 19 -0.07 -13.17 -2.22
N SER A 20 0.66 -12.63 -1.25
CA SER A 20 1.32 -13.44 -0.24
C SER A 20 0.45 -13.59 1.00
N ILE A 21 0.12 -14.83 1.35
CA ILE A 21 -0.70 -15.10 2.52
C ILE A 21 -0.50 -16.53 3.00
N GLY A 22 -0.48 -16.70 4.32
CA GLY A 22 -0.30 -18.03 4.89
C GLY A 22 -0.91 -18.15 6.28
N LYS A 23 -1.41 -17.03 6.80
CA LYS A 23 -2.01 -17.01 8.12
C LYS A 23 -3.52 -17.25 8.02
N MET A 2 -8.45 6.86 5.10
CA MET A 2 -8.89 5.57 4.59
C MET A 2 -7.85 4.48 4.85
N ASP A 3 -6.97 4.74 5.80
CA ASP A 3 -5.92 3.79 6.15
C ASP A 3 -5.61 3.85 7.64
N TRP A 4 -5.06 2.76 8.19
CA TRP A 4 -4.72 2.69 9.60
C TRP A 4 -5.96 2.76 10.47
N GLY A 5 -6.48 3.97 10.58
CA GLY A 5 -7.63 4.23 11.41
C GLY A 5 -7.89 5.72 11.46
N THR A 6 -6.81 6.47 11.24
CA THR A 6 -6.83 7.93 11.21
C THR A 6 -5.52 8.44 10.62
N LEU A 7 -4.86 7.57 9.86
CA LEU A 7 -3.58 7.88 9.22
C LEU A 7 -3.72 7.88 7.71
N GLN A 8 -2.59 7.85 7.01
CA GLN A 8 -2.60 7.82 5.58
C GLN A 8 -1.43 6.98 5.06
N THR A 9 -0.20 7.40 5.38
CA THR A 9 0.98 6.66 4.95
C THR A 9 0.95 5.26 5.54
N ILE A 10 0.34 4.36 4.79
CA ILE A 10 0.18 2.99 5.21
C ILE A 10 0.03 2.06 4.02
N LEU A 11 -0.70 2.54 3.03
CA LEU A 11 -0.94 1.77 1.82
C LEU A 11 -1.51 2.68 0.73
N GLY A 12 -0.85 2.68 -0.43
CA GLY A 12 -1.30 3.51 -1.54
C GLY A 12 -1.20 2.79 -2.87
N ARG A 13 -1.74 1.58 -2.94
CA ARG A 13 -1.71 0.79 -4.16
C ARG A 13 -0.28 0.58 -4.65
N VAL A 14 0.67 0.59 -3.71
CA VAL A 14 2.08 0.40 -4.03
C VAL A 14 2.29 -0.89 -4.81
N ASN A 15 3.07 -0.80 -5.89
CA ASN A 15 3.36 -1.97 -6.71
C ASN A 15 4.16 -3.00 -5.94
N LYS A 16 3.56 -4.19 -5.75
CA LYS A 16 4.22 -5.26 -5.03
C LYS A 16 3.52 -6.59 -5.27
N HIS A 17 2.23 -6.64 -4.94
CA HIS A 17 1.44 -7.85 -5.13
C HIS A 17 0.15 -7.54 -5.89
N SER A 18 -0.73 -8.53 -5.99
CA SER A 18 -2.01 -8.37 -6.69
C SER A 18 -1.80 -7.77 -8.07
N THR A 19 -0.65 -8.04 -8.66
CA THR A 19 -0.32 -7.53 -10.00
C THR A 19 -1.00 -8.39 -11.07
N SER A 20 -2.18 -8.90 -10.74
CA SER A 20 -2.93 -9.74 -11.66
C SER A 20 -3.69 -8.89 -12.67
N ILE A 21 -3.28 -7.64 -12.83
CA ILE A 21 -3.91 -6.72 -13.76
C ILE A 21 -3.25 -6.80 -15.14
N GLY A 22 -4.08 -6.77 -16.18
CA GLY A 22 -3.57 -6.84 -17.54
C GLY A 22 -4.19 -5.80 -18.45
N LYS A 23 -4.88 -4.84 -17.86
CA LYS A 23 -5.53 -3.78 -18.61
C LYS A 23 -6.52 -4.36 -19.63
N MET A 2 -8.22 7.21 4.58
CA MET A 2 -8.61 5.89 4.10
C MET A 2 -7.58 4.84 4.51
N ASP A 3 -6.80 5.15 5.54
CA ASP A 3 -5.77 4.24 6.03
C ASP A 3 -5.60 4.38 7.53
N TRP A 4 -5.40 3.26 8.21
CA TRP A 4 -5.22 3.26 9.66
C TRP A 4 -6.47 3.80 10.35
N GLY A 5 -6.55 3.60 11.65
CA GLY A 5 -7.66 4.11 12.42
C GLY A 5 -7.82 5.61 12.23
N THR A 6 -6.76 6.24 11.72
CA THR A 6 -6.73 7.67 11.46
C THR A 6 -5.35 8.10 10.98
N LEU A 7 -5.02 7.71 9.75
CA LEU A 7 -3.72 8.00 9.16
C LEU A 7 -3.82 8.02 7.65
N GLN A 8 -2.67 7.99 6.98
CA GLN A 8 -2.64 7.97 5.53
C GLN A 8 -1.44 7.16 5.03
N THR A 9 -0.24 7.51 5.50
CA THR A 9 0.96 6.79 5.10
C THR A 9 0.91 5.38 5.63
N ILE A 10 0.30 4.50 4.84
CA ILE A 10 0.13 3.12 5.21
C ILE A 10 0.02 2.23 3.99
N LEU A 11 -0.71 2.70 3.00
CA LEU A 11 -0.91 1.97 1.76
C LEU A 11 -1.54 2.88 0.70
N GLY A 12 -0.86 3.02 -0.42
CA GLY A 12 -1.36 3.86 -1.49
C GLY A 12 -1.27 3.19 -2.85
N ARG A 13 -1.81 1.98 -2.94
CA ARG A 13 -1.79 1.20 -4.18
C ARG A 13 -0.35 0.99 -4.65
N VAL A 14 0.37 0.12 -3.97
CA VAL A 14 1.76 -0.18 -4.33
C VAL A 14 1.86 -1.56 -4.98
N ASN A 15 2.72 -1.65 -6.00
CA ASN A 15 2.93 -2.90 -6.71
C ASN A 15 3.99 -3.75 -6.02
N LYS A 16 4.08 -5.01 -6.43
CA LYS A 16 5.07 -5.93 -5.85
C LYS A 16 6.30 -6.04 -6.74
N HIS A 17 7.47 -6.11 -6.12
CA HIS A 17 8.72 -6.22 -6.85
C HIS A 17 9.14 -7.69 -6.98
N SER A 18 10.18 -7.94 -7.77
CA SER A 18 10.68 -9.30 -7.98
C SER A 18 11.44 -9.79 -6.76
N THR A 19 11.38 -9.03 -5.67
CA THR A 19 12.06 -9.40 -4.43
C THR A 19 11.22 -10.42 -3.66
N SER A 20 10.74 -11.43 -4.37
CA SER A 20 9.92 -12.47 -3.78
C SER A 20 10.77 -13.51 -3.07
N ILE A 21 11.98 -13.12 -2.69
CA ILE A 21 12.91 -14.01 -1.99
C ILE A 21 13.27 -15.22 -2.85
N GLY A 22 14.46 -15.20 -3.43
CA GLY A 22 14.89 -16.30 -4.27
C GLY A 22 16.31 -16.11 -4.79
N LYS A 23 16.85 -14.92 -4.58
CA LYS A 23 18.20 -14.60 -5.02
C LYS A 23 18.79 -13.43 -4.24
N MET A 2 -8.46 5.61 5.10
CA MET A 2 -8.83 4.42 4.34
C MET A 2 -7.87 3.27 4.64
N ASP A 3 -7.15 3.38 5.76
CA ASP A 3 -6.21 2.34 6.15
C ASP A 3 -6.10 2.28 7.67
N TRP A 4 -5.14 3.01 8.20
CA TRP A 4 -4.93 3.07 9.64
C TRP A 4 -6.22 3.45 10.36
N GLY A 5 -6.23 3.26 11.67
CA GLY A 5 -7.39 3.62 12.45
C GLY A 5 -7.84 5.04 12.15
N THR A 6 -6.93 5.82 11.58
CA THR A 6 -7.17 7.21 11.20
C THR A 6 -5.89 7.85 10.68
N LEU A 7 -5.49 7.45 9.47
CA LEU A 7 -4.26 7.94 8.85
C LEU A 7 -4.35 7.83 7.34
N GLN A 8 -3.22 8.02 6.67
CA GLN A 8 -3.18 7.90 5.22
C GLN A 8 -1.84 7.35 4.75
N THR A 9 -0.74 7.94 5.23
CA THR A 9 0.58 7.45 4.85
C THR A 9 0.79 6.07 5.42
N ILE A 10 0.35 5.08 4.66
CA ILE A 10 0.42 3.69 5.08
C ILE A 10 0.51 2.76 3.87
N LEU A 11 -0.20 3.13 2.82
CA LEU A 11 -0.21 2.34 1.60
C LEU A 11 -0.17 3.23 0.37
N GLY A 12 0.14 2.62 -0.76
CA GLY A 12 0.19 3.35 -2.01
C GLY A 12 0.09 2.42 -3.20
N ARG A 13 -0.39 1.21 -2.96
CA ARG A 13 -0.53 0.21 -4.00
C ARG A 13 0.78 -0.04 -4.73
N VAL A 14 1.88 0.30 -4.07
CA VAL A 14 3.21 0.13 -4.65
C VAL A 14 3.67 -1.32 -4.55
N ASN A 15 2.90 -2.13 -3.82
CA ASN A 15 3.24 -3.54 -3.65
C ASN A 15 2.51 -4.41 -4.67
N LYS A 16 1.74 -3.76 -5.55
CA LYS A 16 1.00 -4.47 -6.58
C LYS A 16 1.56 -4.16 -7.97
N HIS A 17 1.55 -5.16 -8.84
CA HIS A 17 2.06 -5.00 -10.20
C HIS A 17 0.92 -5.02 -11.20
N SER A 18 -0.28 -5.37 -10.74
CA SER A 18 -1.46 -5.42 -11.60
C SER A 18 -2.17 -4.07 -11.63
N THR A 19 -1.56 -3.07 -11.02
CA THR A 19 -2.13 -1.72 -10.98
C THR A 19 -2.34 -1.19 -12.38
N SER A 20 -1.62 -1.77 -13.35
CA SER A 20 -1.73 -1.36 -14.73
C SER A 20 -3.17 -1.43 -15.23
N ILE A 21 -3.74 -0.28 -15.55
CA ILE A 21 -5.11 -0.21 -16.04
C ILE A 21 -5.35 1.05 -16.85
N GLY A 22 -6.14 0.92 -17.92
CA GLY A 22 -6.43 2.06 -18.77
C GLY A 22 -6.00 1.83 -20.21
N LYS A 23 -4.89 1.13 -20.39
CA LYS A 23 -4.37 0.84 -21.72
C LYS A 23 -4.34 -0.66 -21.98
N MET A 2 -9.69 6.14 5.59
CA MET A 2 -9.20 5.33 6.71
C MET A 2 -8.38 4.15 6.21
N ASP A 3 -7.17 4.00 6.75
CA ASP A 3 -6.29 2.90 6.35
C ASP A 3 -5.38 2.51 7.51
N TRP A 4 -5.78 2.90 8.71
CA TRP A 4 -5.02 2.60 9.93
C TRP A 4 -5.86 2.93 11.15
N GLY A 5 -6.50 4.08 11.08
CA GLY A 5 -7.29 4.56 12.17
C GLY A 5 -7.19 6.07 12.23
N THR A 6 -6.19 6.59 11.51
CA THR A 6 -5.91 8.02 11.42
C THR A 6 -4.59 8.23 10.68
N LEU A 7 -4.33 7.36 9.70
CA LEU A 7 -3.10 7.40 8.92
C LEU A 7 -3.40 7.43 7.43
N GLN A 8 -2.35 7.33 6.63
CA GLN A 8 -2.50 7.31 5.19
C GLN A 8 -1.42 6.46 4.53
N THR A 9 -0.17 6.67 4.93
CA THR A 9 0.93 5.90 4.38
C THR A 9 0.81 4.45 4.80
N ILE A 10 0.05 3.71 3.99
CA ILE A 10 -0.21 2.31 4.26
C ILE A 10 -0.46 1.55 2.97
N LEU A 11 -1.13 2.20 2.04
CA LEU A 11 -1.44 1.60 0.74
C LEU A 11 -1.25 2.62 -0.37
N GLY A 12 -1.97 2.41 -1.47
CA GLY A 12 -1.88 3.31 -2.59
C GLY A 12 -1.64 2.56 -3.90
N ARG A 13 -1.76 1.25 -3.83
CA ARG A 13 -1.57 0.39 -5.00
C ARG A 13 -0.20 0.63 -5.63
N VAL A 14 0.72 1.16 -4.83
CA VAL A 14 2.07 1.44 -5.31
C VAL A 14 3.07 0.42 -4.76
N ASN A 15 2.85 -0.01 -3.52
CA ASN A 15 3.72 -0.98 -2.88
C ASN A 15 3.09 -2.36 -2.86
N LYS A 16 3.69 -3.30 -3.61
CA LYS A 16 3.18 -4.66 -3.68
C LYS A 16 4.26 -5.61 -4.20
N HIS A 17 4.62 -6.59 -3.38
CA HIS A 17 5.62 -7.57 -3.77
C HIS A 17 4.99 -8.92 -4.11
N SER A 18 5.47 -9.53 -5.18
CA SER A 18 4.94 -10.83 -5.63
C SER A 18 3.43 -10.81 -5.73
N THR A 19 2.83 -11.99 -5.77
CA THR A 19 1.38 -12.11 -5.87
C THR A 19 0.86 -11.46 -7.16
N SER A 20 1.79 -11.14 -8.05
CA SER A 20 1.45 -10.51 -9.32
C SER A 20 1.17 -11.56 -10.39
N ILE A 21 0.86 -12.78 -9.95
CA ILE A 21 0.57 -13.87 -10.86
C ILE A 21 -0.79 -14.50 -10.57
N GLY A 22 -1.42 -15.03 -11.60
CA GLY A 22 -2.73 -15.65 -11.43
C GLY A 22 -3.82 -14.91 -12.18
N LYS A 23 -3.81 -13.58 -12.09
CA LYS A 23 -4.80 -12.74 -12.75
C LYS A 23 -6.21 -13.11 -12.30
N MET A 2 -8.37 5.48 3.10
CA MET A 2 -8.78 4.42 4.01
C MET A 2 -7.64 3.44 4.27
N ASP A 3 -6.93 3.64 5.38
CA ASP A 3 -5.82 2.77 5.75
C ASP A 3 -5.42 3.00 7.20
N TRP A 4 -4.73 2.02 7.78
CA TRP A 4 -4.29 2.10 9.17
C TRP A 4 -5.48 2.11 10.12
N GLY A 5 -6.10 3.28 10.18
CA GLY A 5 -7.21 3.49 11.06
C GLY A 5 -7.57 4.96 11.09
N THR A 6 -6.57 5.78 10.72
CA THR A 6 -6.70 7.23 10.65
C THR A 6 -5.44 7.83 10.06
N LEU A 7 -4.71 7.02 9.28
CA LEU A 7 -3.47 7.44 8.65
C LEU A 7 -3.62 7.48 7.13
N GLN A 8 -2.49 7.55 6.43
CA GLN A 8 -2.50 7.58 4.99
C GLN A 8 -1.30 6.82 4.44
N THR A 9 -0.09 7.28 4.77
CA THR A 9 1.12 6.62 4.31
C THR A 9 1.18 5.20 4.85
N ILE A 10 0.60 4.29 4.09
CA ILE A 10 0.51 2.90 4.49
C ILE A 10 0.37 2.00 3.27
N LEU A 11 -0.39 2.48 2.29
CA LEU A 11 -0.62 1.73 1.07
C LEU A 11 -0.40 2.60 -0.16
N GLY A 12 -1.39 3.41 -0.47
CA GLY A 12 -1.32 4.29 -1.61
C GLY A 12 -1.24 3.52 -2.91
N ARG A 13 -1.67 2.26 -2.87
CA ARG A 13 -1.65 1.39 -4.04
C ARG A 13 -0.24 1.27 -4.61
N VAL A 14 0.76 1.54 -3.77
CA VAL A 14 2.15 1.45 -4.19
C VAL A 14 2.72 0.07 -3.90
N ASN A 15 2.70 -0.80 -4.92
CA ASN A 15 3.22 -2.16 -4.79
C ASN A 15 2.53 -2.90 -3.65
N LYS A 16 3.06 -4.07 -3.31
CA LYS A 16 2.51 -4.89 -2.23
C LYS A 16 1.05 -5.26 -2.51
N HIS A 17 0.85 -6.43 -3.11
CA HIS A 17 -0.49 -6.90 -3.44
C HIS A 17 -1.23 -5.91 -4.33
N SER A 18 -2.50 -6.19 -4.59
CA SER A 18 -3.33 -5.33 -5.42
C SER A 18 -4.81 -5.50 -5.08
N THR A 19 -5.08 -6.22 -3.99
CA THR A 19 -6.45 -6.46 -3.56
C THR A 19 -7.18 -5.14 -3.29
N SER A 20 -6.40 -4.09 -3.08
CA SER A 20 -6.95 -2.76 -2.81
C SER A 20 -7.95 -2.36 -3.90
N ILE A 21 -9.22 -2.28 -3.53
CA ILE A 21 -10.27 -1.90 -4.47
C ILE A 21 -10.34 -0.38 -4.64
N GLY A 22 -10.95 0.05 -5.73
CA GLY A 22 -11.08 1.47 -5.99
C GLY A 22 -11.57 1.76 -7.39
N LYS A 23 -12.01 0.72 -8.09
CA LYS A 23 -12.51 0.86 -9.46
C LYS A 23 -14.00 1.24 -9.46
N MET A 2 -9.30 8.08 4.20
CA MET A 2 -8.44 7.85 5.36
C MET A 2 -8.08 6.37 5.48
N ASP A 3 -7.00 6.09 6.21
CA ASP A 3 -6.54 4.72 6.40
C ASP A 3 -5.87 4.57 7.76
N TRP A 4 -5.72 3.32 8.21
CA TRP A 4 -5.10 3.03 9.50
C TRP A 4 -5.94 3.57 10.65
N GLY A 5 -5.83 4.88 10.83
CA GLY A 5 -6.53 5.56 11.89
C GLY A 5 -6.11 7.02 11.91
N THR A 6 -4.91 7.25 11.40
CA THR A 6 -4.32 8.58 11.28
C THR A 6 -3.11 8.51 10.35
N LEU A 7 -3.10 7.48 9.51
CA LEU A 7 -2.00 7.25 8.56
C LEU A 7 -2.52 7.38 7.13
N GLN A 8 -1.72 6.90 6.18
CA GLN A 8 -2.11 6.94 4.79
C GLN A 8 -1.57 5.72 4.06
N THR A 9 -0.24 5.57 4.03
CA THR A 9 0.37 4.43 3.37
C THR A 9 -0.08 3.15 4.03
N ILE A 10 -1.17 2.61 3.52
CA ILE A 10 -1.77 1.42 4.06
C ILE A 10 -2.58 0.68 3.00
N LEU A 11 -3.39 1.44 2.28
CA LEU A 11 -4.24 0.89 1.22
C LEU A 11 -4.28 1.82 0.03
N GLY A 12 -3.33 2.73 -0.02
CA GLY A 12 -3.29 3.66 -1.14
C GLY A 12 -2.81 3.00 -2.41
N ARG A 13 -2.86 1.67 -2.42
CA ARG A 13 -2.43 0.88 -3.57
C ARG A 13 -0.98 1.20 -3.94
N VAL A 14 -0.05 0.47 -3.33
CA VAL A 14 1.37 0.67 -3.59
C VAL A 14 2.10 -0.66 -3.71
N ASN A 15 3.02 -0.75 -4.67
CA ASN A 15 3.79 -1.96 -4.88
C ASN A 15 5.28 -1.71 -4.63
N LYS A 16 6.09 -2.75 -4.80
CA LYS A 16 7.53 -2.65 -4.59
C LYS A 16 7.86 -2.29 -3.15
N HIS A 17 7.76 -1.00 -2.83
CA HIS A 17 8.04 -0.51 -1.49
C HIS A 17 9.52 -0.70 -1.13
N SER A 18 10.01 0.12 -0.20
CA SER A 18 11.40 0.04 0.23
C SER A 18 11.66 -1.25 1.01
N THR A 19 12.78 -1.27 1.73
CA THR A 19 13.15 -2.44 2.53
C THR A 19 13.36 -3.65 1.63
N SER A 20 13.46 -3.39 0.32
CA SER A 20 13.66 -4.45 -0.65
C SER A 20 15.05 -5.05 -0.52
N ILE A 21 15.22 -6.26 -1.06
CA ILE A 21 16.51 -6.94 -1.01
C ILE A 21 16.56 -8.09 -2.02
N GLY A 22 17.71 -8.24 -2.67
CA GLY A 22 17.88 -9.29 -3.66
C GLY A 22 18.64 -8.83 -4.88
N LYS A 23 19.34 -7.70 -4.75
CA LYS A 23 20.12 -7.14 -5.85
C LYS A 23 19.23 -6.87 -7.06
N MET A 2 -7.64 9.11 1.76
CA MET A 2 -8.01 8.25 2.88
C MET A 2 -7.20 6.96 2.85
N ASP A 3 -6.44 6.72 3.93
CA ASP A 3 -5.61 5.53 4.03
C ASP A 3 -5.55 5.04 5.48
N TRP A 4 -5.33 3.74 5.66
CA TRP A 4 -5.26 3.14 7.00
C TRP A 4 -6.60 3.23 7.71
N GLY A 5 -6.89 4.43 8.16
CA GLY A 5 -8.09 4.71 8.90
C GLY A 5 -8.02 6.11 9.49
N THR A 6 -6.79 6.59 9.60
CA THR A 6 -6.49 7.92 10.13
C THR A 6 -4.99 8.19 10.02
N LEU A 7 -4.35 7.53 9.05
CA LEU A 7 -2.91 7.66 8.82
C LEU A 7 -2.63 8.20 7.43
N GLN A 8 -1.38 8.06 6.99
CA GLN A 8 -0.98 8.51 5.67
C GLN A 8 0.05 7.57 5.08
N THR A 9 1.18 7.42 5.76
CA THR A 9 2.24 6.52 5.30
C THR A 9 1.93 5.08 5.69
N ILE A 10 0.80 4.59 5.21
CA ILE A 10 0.34 3.26 5.49
C ILE A 10 0.28 2.43 4.22
N LEU A 11 -0.36 2.99 3.21
CA LEU A 11 -0.51 2.34 1.93
C LEU A 11 -1.29 1.04 2.05
N GLY A 12 -2.09 0.74 1.05
CA GLY A 12 -2.85 -0.49 1.08
C GLY A 12 -2.12 -1.63 0.42
N ARG A 13 -0.80 -1.65 0.57
CA ARG A 13 0.03 -2.71 -0.01
C ARG A 13 -0.12 -2.75 -1.53
N VAL A 14 -0.54 -1.63 -2.10
CA VAL A 14 -0.72 -1.53 -3.55
C VAL A 14 0.61 -1.60 -4.28
N ASN A 15 0.57 -1.52 -5.60
CA ASN A 15 1.78 -1.57 -6.42
C ASN A 15 2.63 -0.33 -6.21
N LYS A 16 3.84 -0.34 -6.76
CA LYS A 16 4.75 0.79 -6.64
C LYS A 16 4.38 1.90 -7.63
N HIS A 17 4.52 1.60 -8.92
CA HIS A 17 4.20 2.57 -9.96
C HIS A 17 2.93 2.17 -10.70
N SER A 18 1.99 3.11 -10.81
CA SER A 18 0.74 2.85 -11.50
C SER A 18 0.39 4.00 -12.45
N THR A 19 1.36 4.87 -12.69
CA THR A 19 1.16 6.00 -13.59
C THR A 19 1.31 5.57 -15.04
N SER A 20 0.89 4.34 -15.31
CA SER A 20 0.96 3.77 -16.65
C SER A 20 -0.18 4.27 -17.53
N ILE A 21 -0.82 5.35 -17.10
CA ILE A 21 -1.93 5.92 -17.84
C ILE A 21 -1.52 7.21 -18.54
N GLY A 22 -2.42 7.74 -19.38
CA GLY A 22 -2.13 8.97 -20.09
C GLY A 22 -2.76 8.99 -21.48
N LYS A 23 -3.31 7.86 -21.89
CA LYS A 23 -3.95 7.76 -23.20
C LYS A 23 -5.43 8.12 -23.11
N MET A 2 -9.03 6.67 2.97
CA MET A 2 -8.84 5.95 4.21
C MET A 2 -7.71 4.93 4.09
N ASP A 3 -6.77 4.98 5.03
CA ASP A 3 -5.64 4.06 5.02
C ASP A 3 -5.20 3.76 6.45
N TRP A 4 -4.55 2.60 6.64
CA TRP A 4 -4.08 2.19 7.96
C TRP A 4 -5.24 1.99 8.93
N GLY A 5 -5.72 3.10 9.43
CA GLY A 5 -6.80 3.11 10.39
C GLY A 5 -7.12 4.53 10.78
N THR A 6 -6.08 5.36 10.73
CA THR A 6 -6.16 6.78 11.03
C THR A 6 -4.95 7.48 10.41
N LEU A 7 -4.35 6.82 9.43
CA LEU A 7 -3.17 7.32 8.72
C LEU A 7 -3.52 7.65 7.28
N GLN A 8 -2.50 7.65 6.42
CA GLN A 8 -2.70 7.93 5.01
C GLN A 8 -1.66 7.21 4.15
N THR A 9 -0.38 7.51 4.39
CA THR A 9 0.69 6.86 3.65
C THR A 9 0.99 5.51 4.26
N ILE A 10 0.30 4.50 3.76
CA ILE A 10 0.44 3.16 4.27
C ILE A 10 -0.21 2.13 3.35
N LEU A 11 -1.26 2.55 2.67
CA LEU A 11 -1.98 1.68 1.74
C LEU A 11 -2.33 2.42 0.46
N GLY A 12 -1.59 3.46 0.16
CA GLY A 12 -1.84 4.22 -1.04
C GLY A 12 -1.39 3.48 -2.28
N ARG A 13 -1.25 2.16 -2.15
CA ARG A 13 -0.81 1.32 -3.26
C ARG A 13 0.57 1.72 -3.75
N VAL A 14 1.58 1.01 -3.27
CA VAL A 14 2.97 1.28 -3.66
C VAL A 14 3.61 0.07 -4.32
N ASN A 15 3.28 -1.11 -3.81
CA ASN A 15 3.82 -2.36 -4.36
C ASN A 15 2.84 -3.50 -4.16
N LYS A 16 1.75 -3.23 -3.44
CA LYS A 16 0.73 -4.23 -3.16
C LYS A 16 1.32 -5.42 -2.40
N HIS A 17 1.11 -5.43 -1.09
CA HIS A 17 1.61 -6.50 -0.23
C HIS A 17 0.50 -7.49 0.09
N SER A 18 0.89 -8.68 0.53
CA SER A 18 -0.07 -9.73 0.88
C SER A 18 0.55 -10.74 1.84
N THR A 19 1.78 -10.46 2.28
CA THR A 19 2.47 -11.34 3.21
C THR A 19 1.66 -11.53 4.49
N SER A 20 0.78 -10.58 4.76
CA SER A 20 -0.08 -10.63 5.94
C SER A 20 -0.93 -11.90 5.95
N ILE A 21 -1.32 -12.33 7.15
CA ILE A 21 -2.14 -13.52 7.29
C ILE A 21 -3.48 -13.19 7.92
N GLY A 22 -4.39 -14.16 7.91
CA GLY A 22 -5.71 -13.96 8.49
C GLY A 22 -6.75 -13.58 7.44
N LYS A 23 -6.46 -13.90 6.19
CA LYS A 23 -7.38 -13.59 5.09
C LYS A 23 -7.59 -14.81 4.19
N MET A 2 -9.89 5.77 4.53
CA MET A 2 -9.76 5.46 5.95
C MET A 2 -8.82 4.27 6.15
N ASP A 3 -7.75 4.50 6.90
CA ASP A 3 -6.76 3.45 7.17
C ASP A 3 -6.11 3.67 8.54
N TRP A 4 -5.48 2.62 9.06
CA TRP A 4 -4.81 2.70 10.36
C TRP A 4 -5.81 2.96 11.48
N GLY A 5 -6.20 4.22 11.58
CA GLY A 5 -7.12 4.66 12.58
C GLY A 5 -7.33 6.15 12.45
N THR A 6 -6.29 6.81 11.97
CA THR A 6 -6.29 8.25 11.73
C THR A 6 -5.16 8.59 10.75
N LEU A 7 -4.69 7.56 10.04
CA LEU A 7 -3.60 7.70 9.07
C LEU A 7 -4.14 7.56 7.65
N GLN A 8 -3.23 7.59 6.68
CA GLN A 8 -3.61 7.44 5.29
C GLN A 8 -2.48 6.84 4.45
N THR A 9 -1.25 7.06 4.89
CA THR A 9 -0.09 6.52 4.16
C THR A 9 0.13 5.07 4.55
N ILE A 10 -0.96 4.34 4.57
CA ILE A 10 -0.97 2.93 4.91
C ILE A 10 -0.73 2.08 3.68
N LEU A 11 -1.24 2.55 2.55
CA LEU A 11 -1.10 1.86 1.28
C LEU A 11 -1.28 2.81 0.11
N GLY A 12 -0.44 2.66 -0.90
CA GLY A 12 -0.53 3.52 -2.08
C GLY A 12 -0.22 2.78 -3.37
N ARG A 13 -0.61 1.51 -3.43
CA ARG A 13 -0.37 0.69 -4.61
C ARG A 13 1.11 0.63 -4.95
N VAL A 14 1.95 0.88 -3.94
CA VAL A 14 3.40 0.85 -4.14
C VAL A 14 3.87 -0.52 -4.60
N ASN A 15 3.63 -1.54 -3.77
CA ASN A 15 4.03 -2.90 -4.10
C ASN A 15 2.96 -3.59 -4.93
N LYS A 16 3.34 -4.02 -6.14
CA LYS A 16 2.41 -4.69 -7.04
C LYS A 16 2.49 -6.21 -6.88
N HIS A 17 3.33 -6.65 -5.93
CA HIS A 17 3.51 -8.08 -5.67
C HIS A 17 4.05 -8.79 -6.90
N SER A 18 5.35 -9.10 -6.87
CA SER A 18 5.99 -9.80 -7.97
C SER A 18 6.75 -11.03 -7.48
N THR A 19 6.72 -11.24 -6.17
CA THR A 19 7.40 -12.39 -5.57
C THR A 19 6.69 -13.69 -5.96
N SER A 20 5.57 -13.57 -6.65
CA SER A 20 4.79 -14.72 -7.10
C SER A 20 5.64 -15.64 -7.97
N ILE A 21 5.68 -16.92 -7.60
CA ILE A 21 6.45 -17.91 -8.36
C ILE A 21 5.57 -18.64 -9.35
N GLY A 22 6.12 -18.92 -10.54
CA GLY A 22 5.38 -19.61 -11.56
C GLY A 22 6.21 -20.63 -12.30
N LYS A 23 7.52 -20.58 -12.09
CA LYS A 23 8.44 -21.51 -12.74
C LYS A 23 9.08 -22.45 -11.72
N MET A 2 -9.74 5.30 3.59
CA MET A 2 -8.91 5.60 4.74
C MET A 2 -7.89 4.49 4.99
N ASP A 3 -7.07 4.66 6.02
CA ASP A 3 -6.04 3.67 6.36
C ASP A 3 -5.81 3.65 7.87
N TRP A 4 -5.23 2.55 8.36
CA TRP A 4 -4.95 2.39 9.78
C TRP A 4 -6.23 2.36 10.59
N GLY A 5 -6.78 3.55 10.79
CA GLY A 5 -7.98 3.73 11.55
C GLY A 5 -8.30 5.21 11.66
N THR A 6 -7.22 6.00 11.61
CA THR A 6 -7.30 7.46 11.66
C THR A 6 -5.97 8.04 11.18
N LEU A 7 -5.22 7.21 10.45
CA LEU A 7 -3.91 7.60 9.91
C LEU A 7 -3.95 7.70 8.40
N GLN A 8 -2.82 8.04 7.81
CA GLN A 8 -2.71 8.13 6.36
C GLN A 8 -1.28 7.90 5.89
N THR A 9 -1.08 7.95 4.59
CA THR A 9 0.24 7.73 3.99
C THR A 9 0.71 6.33 4.31
N ILE A 10 -0.22 5.56 4.84
CA ILE A 10 0.01 4.18 5.21
C ILE A 10 0.60 3.41 4.05
N LEU A 11 -0.04 3.55 2.90
CA LEU A 11 0.40 2.87 1.69
C LEU A 11 0.12 3.72 0.45
N GLY A 12 0.78 3.39 -0.64
CA GLY A 12 0.59 4.12 -1.88
C GLY A 12 0.01 3.25 -2.98
N ARG A 13 -0.81 2.28 -2.59
CA ARG A 13 -1.44 1.38 -3.55
C ARG A 13 -0.39 0.61 -4.34
N VAL A 14 0.82 0.53 -3.79
CA VAL A 14 1.92 -0.16 -4.45
C VAL A 14 1.63 -1.67 -4.53
N ASN A 15 2.16 -2.30 -5.57
CA ASN A 15 1.96 -3.73 -5.78
C ASN A 15 3.17 -4.35 -6.49
N LYS A 16 3.42 -5.63 -6.21
CA LYS A 16 4.53 -6.33 -6.83
C LYS A 16 4.06 -7.65 -7.45
N HIS A 17 3.62 -8.57 -6.60
CA HIS A 17 3.14 -9.87 -7.07
C HIS A 17 1.65 -10.04 -6.79
N SER A 18 0.98 -10.84 -7.61
CA SER A 18 -0.45 -11.08 -7.45
C SER A 18 -0.81 -12.49 -7.88
N THR A 19 0.20 -13.33 -8.07
CA THR A 19 -0.01 -14.71 -8.48
C THR A 19 -0.85 -15.46 -7.45
N SER A 20 -0.96 -14.88 -6.26
CA SER A 20 -1.73 -15.48 -5.19
C SER A 20 -3.22 -15.51 -5.52
N ILE A 21 -3.85 -16.66 -5.33
CA ILE A 21 -5.27 -16.82 -5.61
C ILE A 21 -5.58 -16.55 -7.08
N GLY A 22 -5.78 -17.63 -7.85
CA GLY A 22 -6.07 -17.49 -9.26
C GLY A 22 -7.20 -18.40 -9.71
N LYS A 23 -8.01 -18.84 -8.75
CA LYS A 23 -9.14 -19.72 -9.04
C LYS A 23 -8.67 -20.99 -9.74
N MET A 2 -8.19 3.90 1.57
CA MET A 2 -7.66 4.53 2.78
C MET A 2 -6.44 3.76 3.28
N ASP A 3 -5.91 4.18 4.43
CA ASP A 3 -4.74 3.54 5.02
C ASP A 3 -4.80 3.63 6.54
N TRP A 4 -4.49 2.53 7.22
CA TRP A 4 -4.52 2.50 8.67
C TRP A 4 -5.93 2.77 9.19
N GLY A 5 -6.14 2.48 10.46
CA GLY A 5 -7.43 2.75 11.05
C GLY A 5 -7.87 4.17 10.76
N THR A 6 -6.88 5.07 10.68
CA THR A 6 -7.09 6.48 10.38
C THR A 6 -5.76 7.15 10.07
N LEU A 7 -5.25 6.91 8.87
CA LEU A 7 -3.96 7.45 8.44
C LEU A 7 -3.88 7.51 6.92
N GLN A 8 -2.68 7.71 6.42
CA GLN A 8 -2.46 7.75 4.99
C GLN A 8 -1.08 7.19 4.65
N THR A 9 -0.02 7.79 5.19
CA THR A 9 1.33 7.31 4.94
C THR A 9 1.48 5.90 5.45
N ILE A 10 1.19 4.95 4.58
CA ILE A 10 1.24 3.55 4.93
C ILE A 10 1.46 2.69 3.68
N LEU A 11 0.78 3.05 2.62
CA LEU A 11 0.88 2.33 1.35
C LEU A 11 0.44 3.20 0.19
N GLY A 12 -0.65 3.93 0.43
CA GLY A 12 -1.19 4.80 -0.59
C GLY A 12 -1.99 4.04 -1.63
N ARG A 13 -1.28 3.40 -2.56
CA ARG A 13 -1.92 2.62 -3.60
C ARG A 13 -0.89 1.79 -4.37
N VAL A 14 0.23 1.50 -3.73
CA VAL A 14 1.29 0.73 -4.35
C VAL A 14 0.95 -0.76 -4.36
N ASN A 15 1.79 -1.55 -5.04
CA ASN A 15 1.57 -2.99 -5.13
C ASN A 15 2.49 -3.73 -4.17
N LYS A 16 2.43 -5.07 -4.21
CA LYS A 16 3.25 -5.90 -3.34
C LYS A 16 3.81 -7.10 -4.10
N HIS A 17 4.62 -7.90 -3.41
CA HIS A 17 5.21 -9.09 -4.03
C HIS A 17 4.14 -10.13 -4.34
N SER A 18 3.54 -10.68 -3.29
CA SER A 18 2.49 -11.70 -3.45
C SER A 18 3.01 -12.89 -4.24
N THR A 19 4.33 -13.07 -4.23
CA THR A 19 4.96 -14.18 -4.94
C THR A 19 4.43 -15.52 -4.43
N SER A 20 3.81 -15.49 -3.25
CA SER A 20 3.26 -16.69 -2.65
C SER A 20 2.12 -17.27 -3.51
N ILE A 21 2.27 -18.52 -3.91
CA ILE A 21 1.26 -19.18 -4.74
C ILE A 21 1.01 -20.60 -4.25
N GLY A 22 -0.25 -21.01 -4.28
CA GLY A 22 -0.61 -22.35 -3.83
C GLY A 22 -1.94 -22.81 -4.39
N LYS A 23 -2.44 -22.08 -5.39
CA LYS A 23 -3.72 -22.42 -6.02
C LYS A 23 -3.51 -23.36 -7.20
N MET A 2 -10.42 4.51 4.35
CA MET A 2 -9.75 4.63 5.65
C MET A 2 -8.62 3.63 5.77
N ASP A 3 -7.60 3.99 6.55
CA ASP A 3 -6.43 3.12 6.74
C ASP A 3 -5.86 3.32 8.14
N TRP A 4 -5.17 2.30 8.65
CA TRP A 4 -4.58 2.35 9.98
C TRP A 4 -5.64 2.48 11.05
N GLY A 5 -6.13 3.69 11.20
CA GLY A 5 -7.12 4.01 12.19
C GLY A 5 -7.45 5.49 12.13
N THR A 6 -6.43 6.24 11.72
CA THR A 6 -6.52 7.69 11.56
C THR A 6 -5.38 8.17 10.66
N LEU A 7 -4.81 7.22 9.91
CA LEU A 7 -3.69 7.49 9.01
C LEU A 7 -4.14 7.38 7.56
N GLN A 8 -3.20 7.59 6.64
CA GLN A 8 -3.50 7.47 5.22
C GLN A 8 -2.29 7.02 4.42
N THR A 9 -1.09 7.30 4.93
CA THR A 9 0.13 6.90 4.25
C THR A 9 0.44 5.45 4.56
N ILE A 10 -0.59 4.64 4.50
CA ILE A 10 -0.49 3.22 4.77
C ILE A 10 -0.08 2.47 3.52
N LEU A 11 -0.68 2.84 2.41
CA LEU A 11 -0.38 2.21 1.12
C LEU A 11 -0.81 3.12 -0.03
N GLY A 12 0.01 3.17 -1.07
CA GLY A 12 -0.30 4.00 -2.22
C GLY A 12 -0.10 3.27 -3.54
N ARG A 13 -0.61 2.04 -3.60
CA ARG A 13 -0.49 1.23 -4.81
C ARG A 13 0.97 1.03 -5.20
N VAL A 14 1.86 1.20 -4.22
CA VAL A 14 3.29 1.04 -4.46
C VAL A 14 3.72 -0.41 -4.25
N ASN A 15 2.81 -1.23 -3.76
CA ASN A 15 3.10 -2.64 -3.52
C ASN A 15 2.08 -3.53 -4.23
N LYS A 16 2.57 -4.57 -4.88
CA LYS A 16 1.70 -5.50 -5.60
C LYS A 16 2.28 -6.92 -5.59
N HIS A 17 1.71 -7.77 -4.75
CA HIS A 17 2.16 -9.15 -4.62
C HIS A 17 3.62 -9.22 -4.17
N SER A 18 3.83 -9.60 -2.92
CA SER A 18 5.18 -9.72 -2.37
C SER A 18 5.81 -11.06 -2.73
N THR A 19 5.17 -11.77 -3.66
CA THR A 19 5.67 -13.06 -4.11
C THR A 19 7.06 -12.91 -4.73
N SER A 20 7.41 -11.68 -5.10
CA SER A 20 8.70 -11.40 -5.71
C SER A 20 9.84 -11.93 -4.84
N ILE A 21 10.82 -12.55 -5.47
CA ILE A 21 11.97 -13.11 -4.75
C ILE A 21 13.26 -12.36 -5.12
N GLY A 22 13.11 -11.31 -5.92
CA GLY A 22 14.28 -10.52 -6.31
C GLY A 22 14.87 -9.72 -5.17
N LYS A 23 14.16 -9.70 -4.04
CA LYS A 23 14.62 -8.97 -2.87
C LYS A 23 15.84 -9.64 -2.26
N MET A 2 -5.49 5.36 0.29
CA MET A 2 -6.20 5.14 1.54
C MET A 2 -5.56 4.03 2.35
N ASP A 3 -5.42 4.25 3.66
CA ASP A 3 -4.81 3.27 4.55
C ASP A 3 -5.10 3.62 6.00
N TRP A 4 -4.80 2.68 6.90
CA TRP A 4 -5.04 2.87 8.33
C TRP A 4 -6.52 3.07 8.62
N GLY A 5 -6.97 4.28 8.37
CA GLY A 5 -8.33 4.66 8.61
C GLY A 5 -8.51 6.13 8.29
N THR A 6 -7.43 6.87 8.45
CA THR A 6 -7.37 8.30 8.18
C THR A 6 -5.91 8.76 8.11
N LEU A 7 -5.02 7.79 7.88
CA LEU A 7 -3.58 8.05 7.81
C LEU A 7 -3.08 7.90 6.39
N GLN A 8 -1.76 7.84 6.24
CA GLN A 8 -1.15 7.67 4.94
C GLN A 8 0.12 6.82 5.05
N THR A 9 1.08 7.29 5.83
CA THR A 9 2.32 6.55 6.02
C THR A 9 2.03 5.20 6.66
N ILE A 10 1.77 4.23 5.81
CA ILE A 10 1.41 2.90 6.24
C ILE A 10 1.77 1.86 5.17
N LEU A 11 1.59 2.25 3.92
CA LEU A 11 1.88 1.40 2.79
C LEU A 11 1.01 0.16 2.82
N GLY A 12 -0.04 0.15 2.02
CA GLY A 12 -0.90 -0.99 1.99
C GLY A 12 -0.73 -1.81 0.74
N ARG A 13 0.42 -1.64 0.08
CA ARG A 13 0.71 -2.38 -1.15
C ARG A 13 -0.34 -2.13 -2.21
N VAL A 14 -1.06 -1.01 -2.08
CA VAL A 14 -2.10 -0.66 -3.03
C VAL A 14 -1.54 0.12 -4.21
N ASN A 15 -0.24 0.38 -4.16
CA ASN A 15 0.43 1.12 -5.22
C ASN A 15 1.14 0.16 -6.19
N LYS A 16 1.77 0.73 -7.22
CA LYS A 16 2.48 -0.07 -8.20
C LYS A 16 3.79 -0.62 -7.64
N HIS A 17 4.73 0.28 -7.38
CA HIS A 17 6.03 -0.11 -6.83
C HIS A 17 6.72 1.10 -6.19
N SER A 18 6.56 2.26 -6.80
CA SER A 18 7.17 3.48 -6.30
C SER A 18 6.26 4.69 -6.53
N THR A 19 5.07 4.43 -7.06
CA THR A 19 4.11 5.48 -7.33
C THR A 19 3.73 6.21 -6.05
N SER A 20 3.98 5.57 -4.92
CA SER A 20 3.68 6.15 -3.61
C SER A 20 4.34 7.51 -3.45
N ILE A 21 3.51 8.55 -3.32
CA ILE A 21 4.01 9.91 -3.16
C ILE A 21 4.07 10.29 -1.68
N GLY A 22 5.13 11.01 -1.31
CA GLY A 22 5.28 11.44 0.06
C GLY A 22 6.71 11.81 0.40
N LYS A 23 7.65 11.24 -0.34
CA LYS A 23 9.07 11.51 -0.12
C LYS A 23 9.56 12.62 -1.04
N MET A 2 -9.90 7.74 4.13
CA MET A 2 -9.18 7.51 5.38
C MET A 2 -8.65 6.09 5.46
N ASP A 3 -7.78 5.84 6.43
CA ASP A 3 -7.19 4.52 6.62
C ASP A 3 -6.48 4.43 7.96
N TRP A 4 -6.32 3.21 8.47
CA TRP A 4 -5.66 2.99 9.75
C TRP A 4 -6.42 3.69 10.87
N GLY A 5 -6.10 3.32 12.10
CA GLY A 5 -6.72 3.95 13.24
C GLY A 5 -6.51 5.45 13.21
N THR A 6 -5.54 5.87 12.40
CA THR A 6 -5.19 7.29 12.23
C THR A 6 -3.93 7.42 11.36
N LEU A 7 -4.10 7.21 10.06
CA LEU A 7 -2.98 7.27 9.13
C LEU A 7 -3.46 7.63 7.72
N GLN A 8 -2.54 7.60 6.77
CA GLN A 8 -2.87 7.89 5.38
C GLN A 8 -1.93 7.18 4.42
N THR A 9 -0.68 6.96 4.85
CA THR A 9 0.29 6.28 4.03
C THR A 9 0.13 4.77 4.14
N ILE A 10 -1.09 4.34 4.00
CA ILE A 10 -1.45 2.94 4.09
C ILE A 10 -1.60 2.33 2.70
N LEU A 11 -1.85 3.19 1.73
CA LEU A 11 -2.02 2.75 0.35
C LEU A 11 -1.30 3.69 -0.62
N GLY A 12 -1.09 3.20 -1.83
CA GLY A 12 -0.44 4.00 -2.84
C GLY A 12 -0.49 3.33 -4.19
N ARG A 13 -1.47 2.44 -4.38
CA ARG A 13 -1.64 1.72 -5.63
C ARG A 13 -0.38 0.91 -5.96
N VAL A 14 0.42 0.65 -4.95
CA VAL A 14 1.66 -0.12 -5.12
C VAL A 14 1.68 -1.34 -4.21
N ASN A 15 2.17 -2.46 -4.74
CA ASN A 15 2.24 -3.70 -3.97
C ASN A 15 3.66 -4.28 -4.01
N LYS A 16 4.39 -4.09 -2.91
CA LYS A 16 5.76 -4.59 -2.80
C LYS A 16 6.65 -3.97 -3.86
N HIS A 17 6.64 -4.56 -5.06
CA HIS A 17 7.46 -4.07 -6.17
C HIS A 17 6.93 -4.58 -7.50
N SER A 18 6.41 -3.67 -8.31
CA SER A 18 5.87 -4.02 -9.62
C SER A 18 5.77 -2.80 -10.52
N THR A 19 6.37 -1.69 -10.08
CA THR A 19 6.36 -0.45 -10.85
C THR A 19 7.36 -0.53 -12.00
N SER A 20 7.89 -1.73 -12.23
CA SER A 20 8.85 -1.95 -13.29
C SER A 20 8.15 -2.11 -14.64
N ILE A 21 6.91 -1.66 -14.71
CA ILE A 21 6.12 -1.75 -15.94
C ILE A 21 6.15 -0.43 -16.70
N GLY A 22 5.80 -0.48 -17.98
CA GLY A 22 5.78 0.71 -18.80
C GLY A 22 6.84 0.69 -19.89
N LYS A 23 7.33 -0.51 -20.20
CA LYS A 23 8.35 -0.67 -21.23
C LYS A 23 8.23 -2.01 -21.93
N MET A 2 -5.80 6.97 1.65
CA MET A 2 -5.73 6.74 3.09
C MET A 2 -5.75 5.25 3.40
N ASP A 3 -5.79 4.92 4.68
CA ASP A 3 -5.81 3.52 5.12
C ASP A 3 -6.21 3.43 6.58
N TRP A 4 -5.27 3.77 7.44
CA TRP A 4 -5.50 3.75 8.88
C TRP A 4 -6.75 4.55 9.22
N GLY A 5 -7.25 4.36 10.43
CA GLY A 5 -8.40 5.10 10.87
C GLY A 5 -8.24 6.58 10.54
N THR A 6 -6.99 7.03 10.57
CA THR A 6 -6.62 8.41 10.26
C THR A 6 -5.10 8.56 10.21
N LEU A 7 -4.49 8.01 9.17
CA LEU A 7 -3.03 8.07 9.01
C LEU A 7 -2.66 8.20 7.53
N GLN A 8 -1.49 7.68 7.17
CA GLN A 8 -1.04 7.76 5.78
C GLN A 8 0.20 6.91 5.52
N THR A 9 0.56 6.77 4.24
CA THR A 9 1.72 5.97 3.85
C THR A 9 1.47 4.52 4.24
N ILE A 10 0.24 4.26 4.63
CA ILE A 10 -0.19 2.94 5.05
C ILE A 10 -0.90 2.20 3.92
N LEU A 11 -0.79 2.76 2.73
CA LEU A 11 -1.41 2.19 1.54
C LEU A 11 -0.75 0.87 1.19
N GLY A 12 -1.31 -0.22 1.68
CA GLY A 12 -0.75 -1.51 1.38
C GLY A 12 -1.32 -2.08 0.10
N ARG A 13 -1.95 -1.21 -0.69
CA ARG A 13 -2.55 -1.61 -1.95
C ARG A 13 -1.72 -1.11 -3.13
N VAL A 14 -0.51 -0.65 -2.83
CA VAL A 14 0.39 -0.13 -3.85
C VAL A 14 1.76 -0.81 -3.75
N ASN A 15 2.35 -1.11 -4.90
CA ASN A 15 3.66 -1.76 -4.94
C ASN A 15 4.35 -1.52 -6.28
N LYS A 16 3.73 -0.68 -7.12
CA LYS A 16 4.28 -0.38 -8.43
C LYS A 16 5.55 0.47 -8.31
N HIS A 17 5.90 0.84 -7.08
CA HIS A 17 7.09 1.64 -6.84
C HIS A 17 8.35 0.90 -7.29
N SER A 18 8.58 -0.27 -6.69
CA SER A 18 9.75 -1.08 -7.03
C SER A 18 11.05 -0.31 -6.78
N THR A 19 10.96 0.74 -5.97
CA THR A 19 12.13 1.56 -5.64
C THR A 19 13.02 0.83 -4.65
N SER A 20 12.69 -0.43 -4.38
CA SER A 20 13.45 -1.25 -3.45
C SER A 20 14.93 -1.29 -3.85
N ILE A 21 15.79 -0.81 -2.95
CA ILE A 21 17.22 -0.79 -3.21
C ILE A 21 17.94 -1.85 -2.38
N GLY A 22 18.92 -2.52 -3.00
CA GLY A 22 19.66 -3.55 -2.30
C GLY A 22 19.05 -4.92 -2.46
N LYS A 23 17.72 -4.95 -2.63
CA LYS A 23 17.00 -6.21 -2.80
C LYS A 23 16.06 -6.16 -4.00
N MET A 2 -10.62 8.72 3.63
CA MET A 2 -9.73 8.52 4.77
C MET A 2 -8.93 7.22 4.61
N ASP A 3 -8.04 6.97 5.56
CA ASP A 3 -7.21 5.76 5.54
C ASP A 3 -7.33 5.01 6.86
N TRP A 4 -6.20 4.56 7.37
CA TRP A 4 -6.14 3.83 8.65
C TRP A 4 -7.24 4.30 9.60
N GLY A 5 -7.30 5.60 9.74
CA GLY A 5 -8.24 6.22 10.63
C GLY A 5 -7.70 7.58 11.05
N THR A 6 -6.40 7.72 10.85
CA THR A 6 -5.67 8.95 11.16
C THR A 6 -4.19 8.78 10.80
N LEU A 7 -3.93 7.89 9.85
CA LEU A 7 -2.57 7.58 9.39
C LEU A 7 -2.44 7.87 7.91
N GLN A 8 -1.30 7.46 7.34
CA GLN A 8 -1.05 7.66 5.93
C GLN A 8 -0.03 6.63 5.44
N THR A 9 -0.02 6.37 4.13
CA THR A 9 0.89 5.40 3.53
C THR A 9 0.48 3.99 3.91
N ILE A 10 -0.61 3.90 4.65
CA ILE A 10 -1.14 2.62 5.11
C ILE A 10 -1.55 1.74 3.93
N LEU A 11 -1.58 2.35 2.76
CA LEU A 11 -1.94 1.67 1.54
C LEU A 11 -0.94 0.59 1.20
N GLY A 12 -1.18 -0.61 1.70
CA GLY A 12 -0.28 -1.70 1.42
C GLY A 12 -0.71 -2.47 0.19
N ARG A 13 -1.56 -1.84 -0.61
CA ARG A 13 -2.07 -2.47 -1.83
C ARG A 13 -1.54 -1.74 -3.07
N VAL A 14 -0.51 -0.93 -2.87
CA VAL A 14 0.08 -0.18 -3.98
C VAL A 14 1.24 -0.95 -4.60
N ASN A 15 1.72 -0.47 -5.75
CA ASN A 15 2.82 -1.10 -6.45
C ASN A 15 3.73 -0.06 -7.09
N LYS A 16 5.04 -0.30 -7.02
CA LYS A 16 6.02 0.62 -7.57
C LYS A 16 7.30 -0.12 -7.97
N HIS A 17 7.58 -1.22 -7.26
CA HIS A 17 8.76 -2.02 -7.53
C HIS A 17 10.04 -1.20 -7.33
N SER A 18 10.72 -1.43 -6.21
CA SER A 18 11.94 -0.72 -5.90
C SER A 18 13.11 -1.26 -6.73
N THR A 19 13.67 -2.38 -6.28
CA THR A 19 14.80 -3.01 -6.98
C THR A 19 15.78 -1.97 -7.51
N SER A 20 15.89 -0.85 -6.80
CA SER A 20 16.78 0.23 -7.20
C SER A 20 18.20 -0.02 -6.70
N ILE A 21 19.12 0.86 -7.09
CA ILE A 21 20.52 0.73 -6.68
C ILE A 21 20.68 1.00 -5.19
N GLY A 22 21.90 0.81 -4.69
CA GLY A 22 22.17 1.03 -3.28
C GLY A 22 22.32 -0.26 -2.51
N LYS A 23 22.14 -1.38 -3.19
CA LYS A 23 22.27 -2.69 -2.57
C LYS A 23 22.88 -3.70 -3.54
#